data_1NLB
#
_entry.id   1NLB
#
_cell.length_a   63.48
_cell.length_b   173.68
_cell.length_c   41.73
_cell.angle_alpha   90
_cell.angle_beta   90
_cell.angle_gamma   90
#
_symmetry.space_group_name_H-M   'P 21 21 2'
#
loop_
_entity.id
_entity.type
_entity.pdbx_description
1 polymer 'antibody 19D9D6 light chain'
2 polymer 'antibody 19D9D6 heavy chain'
3 water water
#
loop_
_entity_poly.entity_id
_entity_poly.type
_entity_poly.pdbx_seq_one_letter_code
_entity_poly.pdbx_strand_id
1 'polypeptide(L)'
;DIVMSQSPSSLAVSAGEKVTMSCKSSQSLLNSRTRKNYLAWYQQKPGQSPKVLIYWASTRESGVPDRFTGRGSGTDFTLT
ISSVQAEDQAVYYCKQAYIPPLTFGAGTKLELKRADAAPTVSIFPPSSEQLTSGGASVVCFLNNFYPKDINVKWKIDGSE
RQNGVLNSWTDQDSKDSTYSMSSTLTLTKDEYERHNSYTCEATHKTSTSPIVKSFNRNEC
;
L
2 'polypeptide(L)'
;QIQLVQSGPELKKPGETVKISCKASGYTFTDFSMHWVNQAPGKGLNWMGWVNTETGEPTYADDFKGRFAFSLETSASTAY
LQINSLKNEDTATYFCARFLLRQYFDVWGAGTTVTVSSAKTTPPSVYPLAPGSAAQTNSMVTLGCLVKGYFPEPVTVTWN
SGSLSSGVHTFPAVLQSDLYTLSSSVTVPSSTWPSETVTCNVAHPASSTKVDKKIVPR
;
H
#
# COMPACT_ATOMS: atom_id res chain seq x y z
N ASP A 1 -9.96 23.66 -17.37
CA ASP A 1 -8.88 22.79 -16.79
C ASP A 1 -8.27 21.92 -17.88
N ILE A 2 -6.94 21.80 -17.88
CA ILE A 2 -6.27 20.98 -18.87
C ILE A 2 -6.40 19.51 -18.46
N VAL A 3 -6.92 18.70 -19.36
CA VAL A 3 -7.11 17.28 -19.09
C VAL A 3 -5.91 16.47 -19.58
N MET A 4 -5.37 15.64 -18.70
CA MET A 4 -4.22 14.81 -19.05
C MET A 4 -4.72 13.37 -19.27
N SER A 5 -4.52 12.86 -20.48
CA SER A 5 -4.96 11.51 -20.82
C SER A 5 -3.79 10.55 -20.97
N GLN A 6 -3.68 9.62 -20.02
CA GLN A 6 -2.62 8.63 -20.04
C GLN A 6 -3.09 7.28 -20.56
N SER A 7 -2.22 6.62 -21.32
CA SER A 7 -2.53 5.30 -21.87
C SER A 7 -1.25 4.51 -22.08
N PRO A 8 -1.30 3.19 -21.86
CA PRO A 8 -2.47 2.45 -21.40
C PRO A 8 -2.61 2.60 -19.89
N SER A 9 -3.75 2.17 -19.35
CA SER A 9 -3.99 2.26 -17.92
C SER A 9 -3.04 1.33 -17.16
N SER A 10 -2.60 0.26 -17.82
CA SER A 10 -1.68 -0.69 -17.21
C SER A 10 -0.84 -1.38 -18.29
N LEU A 11 0.41 -1.67 -17.95
CA LEU A 11 1.36 -2.32 -18.86
C LEU A 11 1.95 -3.54 -18.16
N ALA A 12 2.15 -4.61 -18.92
CA ALA A 12 2.74 -5.82 -18.38
C ALA A 12 3.80 -6.29 -19.36
N VAL A 13 5.05 -6.30 -18.92
CA VAL A 13 6.15 -6.72 -19.78
C VAL A 13 7.14 -7.54 -18.95
N SER A 14 8.02 -8.26 -19.63
CA SER A 14 9.03 -9.08 -18.95
C SER A 14 10.26 -8.22 -18.67
N ALA A 15 11.06 -8.66 -17.70
CA ALA A 15 12.27 -7.93 -17.35
C ALA A 15 13.17 -7.81 -18.57
N GLY A 16 13.79 -6.65 -18.72
CA GLY A 16 14.70 -6.44 -19.84
C GLY A 16 14.06 -5.88 -21.09
N GLU A 17 12.73 -5.93 -21.17
CA GLU A 17 12.06 -5.42 -22.36
C GLU A 17 11.84 -3.91 -22.23
N LYS A 18 11.61 -3.23 -23.35
CA LYS A 18 11.38 -1.80 -23.32
C LYS A 18 9.89 -1.50 -23.26
N VAL A 19 9.53 -0.43 -22.56
CA VAL A 19 8.12 -0.06 -22.45
C VAL A 19 7.94 1.44 -22.73
N THR A 20 6.82 1.78 -23.33
CA THR A 20 6.52 3.18 -23.64
C THR A 20 5.08 3.49 -23.22
N MET A 21 4.91 4.58 -22.50
CA MET A 21 3.58 4.99 -22.08
C MET A 21 3.33 6.41 -22.57
N SER A 22 2.08 6.69 -22.90
CA SER A 22 1.70 7.98 -23.45
C SER A 22 0.87 8.86 -22.54
N CYS A 23 1.04 10.17 -22.74
CA CYS A 23 0.32 11.18 -21.98
C CYS A 23 -0.01 12.28 -22.98
N LYS A 24 -1.30 12.50 -23.17
CA LYS A 24 -1.77 13.53 -24.10
C LYS A 24 -2.47 14.63 -23.32
N SER A 25 -2.10 15.88 -23.58
CA SER A 25 -2.72 17.01 -22.90
C SER A 25 -3.80 17.61 -23.79
N SER A 26 -4.85 18.16 -23.18
CA SER A 26 -5.97 18.73 -23.94
C SER A 26 -5.65 20.01 -24.70
N GLN A 27 -4.44 20.53 -24.48
CA GLN A 27 -3.96 21.73 -25.17
C GLN A 27 -2.46 21.83 -24.94
N SER A 28 -1.78 22.52 -25.85
CA SER A 28 -0.32 22.69 -25.77
C SER A 28 0.18 23.17 -24.42
N LEU A 29 1.27 22.55 -23.95
CA LEU A 29 1.87 22.89 -22.67
C LEU A 29 3.18 23.65 -22.90
N LEU A 30 3.39 24.10 -24.13
CA LEU A 30 4.61 24.81 -24.50
C LEU A 30 4.63 26.28 -24.08
N ASN A 31 5.61 26.64 -23.26
CA ASN A 31 5.75 28.03 -22.81
C ASN A 31 6.70 28.75 -23.77
N SER A 32 6.20 29.78 -24.45
CA SER A 32 7.02 30.52 -25.41
C SER A 32 8.16 31.33 -24.79
N ARG A 33 8.01 31.76 -23.55
CA ARG A 33 9.04 32.54 -22.88
C ARG A 33 10.28 31.67 -22.65
N THR A 34 10.07 30.52 -22.02
CA THR A 34 11.16 29.59 -21.72
C THR A 34 11.41 28.55 -22.81
N ARG A 35 10.45 28.39 -23.71
CA ARG A 35 10.54 27.42 -24.81
C ARG A 35 10.61 25.99 -24.26
N LYS A 36 9.93 25.78 -23.13
CA LYS A 36 9.89 24.47 -22.49
C LYS A 36 8.45 24.04 -22.26
N ASN A 37 8.21 22.73 -22.32
CA ASN A 37 6.88 22.19 -22.07
C ASN A 37 6.82 21.88 -20.59
N TYR A 38 5.82 22.42 -19.91
CA TYR A 38 5.69 22.19 -18.48
C TYR A 38 4.92 20.90 -18.21
N LEU A 39 5.62 19.80 -18.48
CA LEU A 39 5.10 18.46 -18.30
C LEU A 39 6.13 17.68 -17.49
N ALA A 40 5.68 17.02 -16.44
CA ALA A 40 6.57 16.24 -15.60
C ALA A 40 6.03 14.82 -15.42
N TRP A 41 6.93 13.88 -15.15
CA TRP A 41 6.55 12.49 -14.92
C TRP A 41 6.97 12.11 -13.50
N TYR A 42 6.10 11.42 -12.78
CA TYR A 42 6.38 10.98 -11.43
C TYR A 42 6.17 9.47 -11.30
N GLN A 43 6.97 8.84 -10.45
CA GLN A 43 6.88 7.41 -10.21
C GLN A 43 6.39 7.24 -8.77
N GLN A 44 5.36 6.42 -8.56
CA GLN A 44 4.88 6.17 -7.21
C GLN A 44 4.80 4.68 -6.90
N LYS A 45 5.63 4.24 -5.97
CA LYS A 45 5.65 2.85 -5.59
C LYS A 45 4.66 2.65 -4.44
N PRO A 46 4.18 1.42 -4.24
CA PRO A 46 3.23 1.10 -3.18
C PRO A 46 3.60 1.69 -1.81
N GLY A 47 2.64 2.38 -1.19
CA GLY A 47 2.86 2.97 0.12
C GLY A 47 3.83 4.14 0.19
N GLN A 48 4.34 4.59 -0.95
CA GLN A 48 5.28 5.70 -1.00
C GLN A 48 4.73 6.96 -1.64
N SER A 49 5.37 8.09 -1.36
CA SER A 49 4.96 9.35 -1.95
C SER A 49 5.58 9.34 -3.35
N PRO A 50 4.99 10.08 -4.30
CA PRO A 50 5.53 10.12 -5.66
C PRO A 50 6.94 10.72 -5.70
N LYS A 51 7.68 10.36 -6.74
CA LYS A 51 9.04 10.86 -6.94
C LYS A 51 9.19 11.26 -8.39
N VAL A 52 9.69 12.46 -8.61
CA VAL A 52 9.85 12.98 -9.97
C VAL A 52 10.94 12.24 -10.75
N LEU A 53 10.66 12.02 -12.03
CA LEU A 53 11.59 11.36 -12.93
C LEU A 53 12.05 12.35 -13.99
N ILE A 54 11.08 12.99 -14.62
CA ILE A 54 11.32 13.93 -15.71
C ILE A 54 10.54 15.24 -15.53
N TYR A 55 11.15 16.35 -15.93
CA TYR A 55 10.46 17.63 -15.90
C TYR A 55 10.81 18.32 -17.22
N TRP A 56 10.11 19.40 -17.55
CA TRP A 56 10.35 20.08 -18.83
C TRP A 56 10.23 19.06 -19.96
N ALA A 57 9.31 18.11 -19.77
CA ALA A 57 9.04 17.04 -20.73
C ALA A 57 10.16 16.06 -21.01
N SER A 58 11.40 16.52 -21.04
CA SER A 58 12.50 15.62 -21.36
C SER A 58 13.76 15.71 -20.51
N THR A 59 13.74 16.54 -19.47
CA THR A 59 14.91 16.67 -18.61
C THR A 59 14.84 15.71 -17.43
N ARG A 60 15.86 14.87 -17.27
CA ARG A 60 15.92 13.92 -16.17
C ARG A 60 16.33 14.58 -14.85
N GLU A 61 15.67 14.22 -13.76
CA GLU A 61 16.02 14.76 -12.45
C GLU A 61 17.33 14.09 -12.06
N SER A 62 18.19 14.80 -11.35
CA SER A 62 19.47 14.22 -10.93
C SER A 62 19.20 12.96 -10.11
N GLY A 63 19.87 11.87 -10.44
CA GLY A 63 19.69 10.63 -9.71
C GLY A 63 18.90 9.61 -10.49
N VAL A 64 18.15 10.08 -11.50
CA VAL A 64 17.34 9.21 -12.33
C VAL A 64 18.21 8.65 -13.46
N PRO A 65 18.18 7.32 -13.65
CA PRO A 65 18.94 6.60 -14.69
C PRO A 65 18.58 6.96 -16.13
N ASP A 66 19.54 6.77 -17.04
CA ASP A 66 19.35 7.08 -18.45
C ASP A 66 18.22 6.24 -19.05
N ARG A 67 17.95 5.08 -18.48
CA ARG A 67 16.91 4.20 -19.01
C ARG A 67 15.51 4.79 -18.95
N PHE A 68 15.35 5.87 -18.19
CA PHE A 68 14.06 6.56 -18.11
C PHE A 68 14.19 7.75 -19.07
N THR A 69 13.39 7.79 -20.11
CA THR A 69 13.48 8.89 -21.07
C THR A 69 12.13 9.53 -21.41
N GLY A 70 12.07 10.85 -21.24
CA GLY A 70 10.86 11.57 -21.56
C GLY A 70 11.01 12.27 -22.90
N ARG A 71 9.95 12.23 -23.71
CA ARG A 71 9.95 12.86 -25.03
C ARG A 71 8.62 13.55 -25.26
N GLY A 72 8.58 14.44 -26.25
CA GLY A 72 7.34 15.12 -26.56
C GLY A 72 7.34 16.62 -26.44
N SER A 73 6.36 17.24 -27.09
CA SER A 73 6.19 18.69 -27.07
C SER A 73 4.77 18.99 -27.50
N GLY A 74 4.22 20.09 -27.00
CA GLY A 74 2.86 20.44 -27.35
C GLY A 74 1.80 19.66 -26.59
N THR A 75 1.18 18.70 -27.26
CA THR A 75 0.14 17.90 -26.63
C THR A 75 0.46 16.41 -26.49
N ASP A 76 1.47 15.94 -27.23
CA ASP A 76 1.85 14.53 -27.19
C ASP A 76 3.16 14.29 -26.45
N PHE A 77 3.13 13.47 -25.41
CA PHE A 77 4.32 13.18 -24.62
C PHE A 77 4.44 11.69 -24.33
N THR A 78 5.65 11.23 -24.08
CA THR A 78 5.86 9.83 -23.77
C THR A 78 6.99 9.63 -22.76
N LEU A 79 6.87 8.55 -21.99
CA LEU A 79 7.89 8.18 -21.03
C LEU A 79 8.28 6.78 -21.46
N THR A 80 9.57 6.55 -21.65
CA THR A 80 10.05 5.24 -22.06
C THR A 80 11.01 4.70 -21.02
N ILE A 81 10.86 3.42 -20.70
CA ILE A 81 11.72 2.75 -19.74
C ILE A 81 12.35 1.53 -20.40
N SER A 82 13.66 1.52 -20.53
CA SER A 82 14.37 0.37 -21.10
C SER A 82 14.96 -0.43 -19.94
N SER A 83 15.31 -1.69 -20.19
CA SER A 83 15.87 -2.55 -19.15
C SER A 83 14.96 -2.60 -17.93
N VAL A 84 13.67 -2.77 -18.18
CA VAL A 84 12.68 -2.85 -17.10
C VAL A 84 13.02 -3.95 -16.12
N GLN A 85 12.82 -3.66 -14.84
CA GLN A 85 13.09 -4.60 -13.76
C GLN A 85 11.98 -4.49 -12.73
N ALA A 86 11.89 -5.49 -11.85
CA ALA A 86 10.86 -5.51 -10.80
C ALA A 86 10.86 -4.23 -9.98
N GLU A 87 12.04 -3.63 -9.84
CA GLU A 87 12.28 -2.40 -9.11
C GLU A 87 11.42 -1.25 -9.67
N ASP A 88 11.04 -1.38 -10.94
CA ASP A 88 10.24 -0.36 -11.63
C ASP A 88 8.72 -0.53 -11.45
N GLN A 89 8.30 -1.56 -10.74
CA GLN A 89 6.88 -1.77 -10.49
C GLN A 89 6.33 -0.60 -9.72
N ALA A 90 5.40 0.13 -10.35
CA ALA A 90 4.82 1.31 -9.73
C ALA A 90 3.80 1.91 -10.70
N VAL A 91 3.16 2.99 -10.28
CA VAL A 91 2.23 3.69 -11.15
C VAL A 91 2.97 4.96 -11.56
N TYR A 92 2.95 5.26 -12.85
CA TYR A 92 3.62 6.43 -13.39
C TYR A 92 2.58 7.48 -13.78
N TYR A 93 2.76 8.68 -13.26
CA TYR A 93 1.83 9.78 -13.54
C TYR A 93 2.49 10.94 -14.27
N CYS A 94 1.77 11.55 -15.21
CA CYS A 94 2.29 12.73 -15.88
C CYS A 94 1.49 13.85 -15.23
N LYS A 95 2.06 15.05 -15.20
CA LYS A 95 1.39 16.20 -14.60
C LYS A 95 1.77 17.49 -15.33
N GLN A 96 0.77 18.29 -15.68
CA GLN A 96 1.06 19.55 -16.37
C GLN A 96 0.99 20.69 -15.37
N ALA A 97 1.90 21.64 -15.54
CA ALA A 97 1.96 22.83 -14.69
C ALA A 97 2.00 24.05 -15.60
N TYR A 98 1.38 23.95 -16.76
CA TYR A 98 1.35 25.05 -17.72
C TYR A 98 0.31 26.09 -17.32
N ILE A 99 -0.90 25.63 -17.03
CA ILE A 99 -1.98 26.53 -16.62
C ILE A 99 -2.75 25.95 -15.45
N PRO A 100 -2.79 26.67 -14.32
CA PRO A 100 -3.51 26.15 -13.14
C PRO A 100 -4.99 25.92 -13.47
N PRO A 101 -5.63 24.97 -12.79
CA PRO A 101 -5.00 24.12 -11.76
C PRO A 101 -4.07 23.06 -12.34
N LEU A 102 -3.01 22.73 -11.60
CA LEU A 102 -2.11 21.69 -12.06
C LEU A 102 -2.98 20.45 -12.09
N THR A 103 -2.77 19.58 -13.07
CA THR A 103 -3.55 18.35 -13.19
C THR A 103 -2.66 17.15 -13.49
N PHE A 104 -3.05 16.00 -12.94
CA PHE A 104 -2.33 14.75 -13.16
C PHE A 104 -3.13 13.84 -14.10
N GLY A 105 -2.42 12.96 -14.80
CA GLY A 105 -3.11 12.00 -15.66
C GLY A 105 -3.58 10.93 -14.69
N ALA A 106 -4.36 9.96 -15.18
CA ALA A 106 -4.89 8.90 -14.32
C ALA A 106 -3.82 7.87 -13.93
N GLY A 107 -2.67 7.93 -14.61
CA GLY A 107 -1.60 7.01 -14.31
C GLY A 107 -1.55 5.73 -15.13
N THR A 108 -0.35 5.17 -15.23
CA THR A 108 -0.15 3.93 -15.95
C THR A 108 0.57 3.01 -14.98
N LYS A 109 -0.09 1.91 -14.63
CA LYS A 109 0.47 0.95 -13.69
C LYS A 109 1.35 -0.06 -14.41
N LEU A 110 2.63 -0.10 -14.04
CA LEU A 110 3.56 -1.02 -14.66
C LEU A 110 3.70 -2.27 -13.81
N GLU A 111 3.39 -3.42 -14.40
CA GLU A 111 3.49 -4.69 -13.70
C GLU A 111 4.46 -5.55 -14.50
N LEU A 112 5.15 -6.46 -13.85
CA LEU A 112 6.07 -7.30 -14.60
C LEU A 112 5.54 -8.68 -14.81
N LYS A 113 5.93 -9.28 -15.93
CA LYS A 113 5.54 -10.65 -16.22
C LYS A 113 6.73 -11.49 -15.74
N ARG A 114 6.48 -12.78 -15.53
CA ARG A 114 7.54 -13.68 -15.10
C ARG A 114 7.05 -15.11 -15.29
N ALA A 115 7.90 -16.09 -15.01
CA ALA A 115 7.51 -17.48 -15.17
C ALA A 115 6.37 -17.81 -14.21
N ASP A 116 5.45 -18.67 -14.63
CA ASP A 116 4.36 -19.05 -13.76
C ASP A 116 5.00 -19.75 -12.56
N ALA A 117 4.38 -19.60 -11.39
CA ALA A 117 4.90 -20.23 -10.18
C ALA A 117 3.74 -20.70 -9.32
N ALA A 118 3.81 -21.97 -8.90
CA ALA A 118 2.76 -22.52 -8.06
C ALA A 118 2.92 -21.93 -6.67
N PRO A 119 1.80 -21.74 -5.95
CA PRO A 119 1.89 -21.18 -4.61
C PRO A 119 2.39 -22.21 -3.61
N THR A 120 3.05 -21.75 -2.57
CA THR A 120 3.48 -22.64 -1.50
C THR A 120 2.35 -22.42 -0.51
N VAL A 121 1.59 -23.48 -0.24
CA VAL A 121 0.44 -23.38 0.64
C VAL A 121 0.67 -23.93 2.04
N SER A 122 0.25 -23.16 3.04
CA SER A 122 0.40 -23.54 4.44
C SER A 122 -0.93 -23.29 5.15
N ILE A 123 -1.39 -24.27 5.92
CA ILE A 123 -2.65 -24.11 6.64
C ILE A 123 -2.34 -24.08 8.14
N PHE A 124 -3.08 -23.24 8.86
CA PHE A 124 -2.89 -23.09 10.30
C PHE A 124 -4.18 -23.19 11.09
N PRO A 125 -4.24 -24.12 12.05
CA PRO A 125 -5.44 -24.30 12.86
C PRO A 125 -5.58 -23.09 13.78
N PRO A 126 -6.77 -22.90 14.38
CA PRO A 126 -6.95 -21.76 15.29
C PRO A 126 -5.95 -21.89 16.43
N SER A 127 -5.51 -20.77 16.98
CA SER A 127 -4.56 -20.77 18.09
C SER A 127 -5.29 -21.07 19.40
N SER A 128 -4.57 -21.64 20.35
CA SER A 128 -5.14 -21.94 21.65
C SER A 128 -5.71 -20.66 22.24
N GLU A 129 -4.97 -19.56 22.10
CA GLU A 129 -5.39 -18.27 22.62
C GLU A 129 -6.73 -17.82 22.07
N GLN A 130 -6.90 -17.89 20.75
CA GLN A 130 -8.16 -17.47 20.15
C GLN A 130 -9.31 -18.34 20.62
N LEU A 131 -9.06 -19.64 20.72
CA LEU A 131 -10.06 -20.60 21.15
C LEU A 131 -10.55 -20.31 22.59
N THR A 132 -9.64 -19.89 23.45
CA THR A 132 -9.98 -19.56 24.85
C THR A 132 -11.16 -18.60 24.89
N SER A 133 -11.26 -17.72 23.89
CA SER A 133 -12.38 -16.80 23.84
C SER A 133 -13.36 -17.55 22.92
N GLY A 134 -14.39 -16.90 22.39
CA GLY A 134 -15.31 -17.64 21.56
C GLY A 134 -15.01 -17.81 20.08
N GLY A 135 -13.81 -17.44 19.65
CA GLY A 135 -13.49 -17.53 18.23
C GLY A 135 -12.57 -18.62 17.72
N ALA A 136 -12.60 -18.81 16.40
CA ALA A 136 -11.78 -19.80 15.74
C ALA A 136 -11.54 -19.42 14.29
N SER A 137 -10.33 -18.98 13.97
CA SER A 137 -9.98 -18.61 12.60
C SER A 137 -8.97 -19.60 12.06
N VAL A 138 -9.26 -20.13 10.87
CA VAL A 138 -8.34 -21.06 10.21
C VAL A 138 -7.71 -20.23 9.10
N VAL A 139 -6.39 -20.25 9.01
CA VAL A 139 -5.68 -19.45 8.02
C VAL A 139 -4.88 -20.26 7.02
N CYS A 140 -4.90 -19.84 5.76
CA CYS A 140 -4.09 -20.49 4.73
C CYS A 140 -3.28 -19.41 4.02
N PHE A 141 -1.97 -19.62 3.92
CA PHE A 141 -1.12 -18.68 3.20
C PHE A 141 -0.80 -19.33 1.86
N LEU A 142 -0.93 -18.57 0.79
CA LEU A 142 -0.63 -19.03 -0.56
C LEU A 142 0.50 -18.07 -0.96
N ASN A 143 1.74 -18.54 -0.83
CA ASN A 143 2.89 -17.70 -1.08
C ASN A 143 3.73 -17.85 -2.34
N ASN A 144 4.21 -16.70 -2.81
CA ASN A 144 5.10 -16.60 -3.97
C ASN A 144 4.64 -17.30 -5.23
N PHE A 145 3.49 -16.89 -5.74
CA PHE A 145 2.96 -17.49 -6.96
C PHE A 145 2.78 -16.48 -8.08
N TYR A 146 2.51 -17.00 -9.27
CA TYR A 146 2.29 -16.16 -10.43
C TYR A 146 1.64 -17.02 -11.52
N PRO A 147 0.64 -16.47 -12.24
CA PRO A 147 0.08 -15.12 -12.13
C PRO A 147 -0.73 -14.87 -10.86
N LYS A 148 -1.18 -13.63 -10.71
CA LYS A 148 -1.96 -13.21 -9.55
C LYS A 148 -3.32 -13.87 -9.43
N ASP A 149 -3.90 -14.27 -10.56
CA ASP A 149 -5.21 -14.93 -10.58
C ASP A 149 -5.17 -16.28 -9.88
N ILE A 150 -5.91 -16.40 -8.79
CA ILE A 150 -5.94 -17.64 -8.03
C ILE A 150 -7.27 -17.76 -7.27
N ASN A 151 -7.70 -18.99 -7.04
CA ASN A 151 -8.93 -19.21 -6.32
C ASN A 151 -8.72 -20.12 -5.13
N VAL A 152 -9.31 -19.74 -4.01
CA VAL A 152 -9.20 -20.53 -2.80
C VAL A 152 -10.60 -20.95 -2.36
N LYS A 153 -10.76 -22.24 -2.09
CA LYS A 153 -12.04 -22.77 -1.64
C LYS A 153 -11.84 -23.44 -0.29
N TRP A 154 -12.69 -23.11 0.67
CA TRP A 154 -12.59 -23.71 1.99
C TRP A 154 -13.61 -24.84 2.13
N LYS A 155 -13.19 -25.94 2.75
CA LYS A 155 -14.09 -27.08 2.97
C LYS A 155 -14.04 -27.52 4.42
N ILE A 156 -15.22 -27.75 4.98
CA ILE A 156 -15.35 -28.22 6.36
C ILE A 156 -16.03 -29.59 6.26
N ASP A 157 -15.34 -30.62 6.71
CA ASP A 157 -15.86 -32.00 6.63
C ASP A 157 -16.21 -32.36 5.18
N GLY A 158 -15.50 -31.75 4.24
CA GLY A 158 -15.72 -32.05 2.83
C GLY A 158 -16.68 -31.17 2.05
N SER A 159 -17.38 -30.27 2.72
CA SER A 159 -18.34 -29.39 2.04
C SER A 159 -17.86 -27.94 2.04
N GLU A 160 -18.03 -27.27 0.91
CA GLU A 160 -17.60 -25.89 0.76
C GLU A 160 -18.26 -24.95 1.76
N ARG A 161 -17.50 -23.97 2.21
CA ARG A 161 -17.96 -22.96 3.15
C ARG A 161 -17.58 -21.62 2.54
N GLN A 162 -18.57 -20.84 2.12
CA GLN A 162 -18.30 -19.56 1.49
C GLN A 162 -18.31 -18.31 2.37
N ASN A 163 -19.12 -18.31 3.43
CA ASN A 163 -19.18 -17.14 4.31
C ASN A 163 -18.11 -17.22 5.40
N GLY A 164 -17.70 -16.06 5.90
CA GLY A 164 -16.70 -16.05 6.95
C GLY A 164 -15.27 -16.05 6.45
N VAL A 165 -15.05 -15.96 5.15
CA VAL A 165 -13.67 -15.94 4.67
C VAL A 165 -13.24 -14.55 4.19
N LEU A 166 -12.02 -14.17 4.57
CA LEU A 166 -11.45 -12.88 4.22
C LEU A 166 -10.15 -13.13 3.48
N ASN A 167 -10.03 -12.62 2.26
CA ASN A 167 -8.83 -12.81 1.45
C ASN A 167 -8.09 -11.50 1.24
N SER A 168 -6.76 -11.57 1.16
CA SER A 168 -5.94 -10.39 0.93
C SER A 168 -4.69 -10.74 0.13
N TRP A 169 -4.43 -9.96 -0.91
CA TRP A 169 -3.28 -10.15 -1.79
C TRP A 169 -2.22 -9.08 -1.53
N THR A 170 -0.96 -9.48 -1.56
CA THR A 170 0.13 -8.54 -1.36
C THR A 170 0.33 -7.84 -2.70
N ASP A 171 1.12 -6.76 -2.68
CA ASP A 171 1.46 -6.04 -3.91
C ASP A 171 2.45 -6.96 -4.62
N GLN A 172 2.64 -6.79 -5.92
CA GLN A 172 3.60 -7.63 -6.63
C GLN A 172 4.95 -7.47 -5.93
N ASP A 173 5.68 -8.56 -5.76
CA ASP A 173 6.97 -8.47 -5.07
C ASP A 173 7.96 -7.59 -5.81
N SER A 174 8.56 -6.68 -5.06
CA SER A 174 9.51 -5.70 -5.60
C SER A 174 10.82 -6.31 -6.11
N LYS A 175 11.05 -7.58 -5.77
CA LYS A 175 12.27 -8.26 -6.21
C LYS A 175 12.04 -9.40 -7.21
N ASP A 176 11.13 -10.33 -6.90
CA ASP A 176 10.92 -11.46 -7.80
C ASP A 176 9.60 -11.46 -8.59
N SER A 177 8.84 -10.39 -8.45
CA SER A 177 7.59 -10.20 -9.18
C SER A 177 6.46 -11.21 -8.95
N THR A 178 6.53 -11.95 -7.85
CA THR A 178 5.49 -12.90 -7.54
C THR A 178 4.43 -12.21 -6.69
N TYR A 179 3.36 -12.93 -6.38
CA TYR A 179 2.28 -12.44 -5.53
C TYR A 179 2.08 -13.44 -4.41
N SER A 180 1.48 -12.99 -3.32
CA SER A 180 1.18 -13.86 -2.20
C SER A 180 -0.22 -13.48 -1.74
N MET A 181 -0.92 -14.40 -1.10
CA MET A 181 -2.25 -14.09 -0.62
C MET A 181 -2.54 -14.87 0.65
N SER A 182 -3.44 -14.34 1.45
CA SER A 182 -3.83 -14.97 2.70
C SER A 182 -5.34 -15.15 2.67
N SER A 183 -5.82 -16.29 3.15
CA SER A 183 -7.24 -16.56 3.20
C SER A 183 -7.55 -16.94 4.64
N THR A 184 -8.48 -16.24 5.26
CA THR A 184 -8.84 -16.54 6.64
C THR A 184 -10.31 -16.88 6.78
N LEU A 185 -10.58 -18.09 7.29
CA LEU A 185 -11.95 -18.53 7.51
C LEU A 185 -12.24 -18.42 9.00
N THR A 186 -13.18 -17.54 9.35
CA THR A 186 -13.52 -17.35 10.75
C THR A 186 -14.88 -17.98 11.05
N LEU A 187 -14.89 -18.81 12.09
CA LEU A 187 -16.09 -19.52 12.53
C LEU A 187 -16.19 -19.29 14.03
N THR A 188 -17.28 -19.76 14.63
CA THR A 188 -17.43 -19.65 16.07
C THR A 188 -16.67 -20.85 16.62
N LYS A 189 -16.31 -20.79 17.89
CA LYS A 189 -15.60 -21.89 18.54
C LYS A 189 -16.46 -23.16 18.43
N ASP A 190 -17.77 -23.00 18.60
CA ASP A 190 -18.69 -24.13 18.53
C ASP A 190 -18.72 -24.79 17.16
N GLU A 191 -18.80 -23.99 16.10
CA GLU A 191 -18.82 -24.52 14.74
C GLU A 191 -17.53 -25.32 14.51
N TYR A 192 -16.42 -24.71 14.89
CA TYR A 192 -15.10 -25.32 14.73
C TYR A 192 -14.99 -26.68 15.43
N GLU A 193 -15.40 -26.74 16.69
CA GLU A 193 -15.31 -27.99 17.43
C GLU A 193 -16.40 -28.99 17.07
N ARG A 194 -17.36 -28.56 16.26
CA ARG A 194 -18.46 -29.43 15.86
C ARG A 194 -18.05 -30.25 14.63
N HIS A 195 -17.01 -29.79 13.93
CA HIS A 195 -16.53 -30.49 12.75
C HIS A 195 -15.10 -30.98 12.94
N ASN A 196 -14.59 -31.76 12.00
CA ASN A 196 -13.26 -32.32 12.14
C ASN A 196 -12.24 -31.96 11.05
N SER A 197 -12.64 -32.09 9.78
CA SER A 197 -11.74 -31.81 8.67
C SER A 197 -11.83 -30.39 8.11
N TYR A 198 -10.67 -29.75 8.01
CA TYR A 198 -10.58 -28.38 7.50
C TYR A 198 -9.53 -28.33 6.40
N THR A 199 -9.93 -27.88 5.21
CA THR A 199 -8.98 -27.81 4.12
C THR A 199 -9.19 -26.60 3.22
N CYS A 200 -8.10 -26.07 2.70
CA CYS A 200 -8.20 -24.96 1.78
C CYS A 200 -7.65 -25.51 0.47
N GLU A 201 -8.40 -25.29 -0.61
CA GLU A 201 -8.00 -25.76 -1.92
C GLU A 201 -7.65 -24.60 -2.81
N ALA A 202 -6.44 -24.61 -3.34
CA ALA A 202 -5.97 -23.54 -4.21
C ALA A 202 -5.99 -23.94 -5.69
N THR A 203 -6.83 -23.26 -6.46
CA THR A 203 -6.91 -23.54 -7.89
C THR A 203 -6.08 -22.46 -8.59
N HIS A 204 -5.08 -22.89 -9.35
CA HIS A 204 -4.19 -21.98 -10.06
C HIS A 204 -3.80 -22.64 -11.39
N LYS A 205 -3.55 -21.83 -12.41
CA LYS A 205 -3.21 -22.36 -13.72
C LYS A 205 -1.94 -23.20 -13.77
N THR A 206 -1.16 -23.18 -12.69
CA THR A 206 0.07 -23.96 -12.65
C THR A 206 -0.18 -25.45 -12.44
N SER A 207 -1.44 -25.81 -12.16
CA SER A 207 -1.78 -27.21 -11.93
C SER A 207 -3.18 -27.56 -12.40
N THR A 208 -3.31 -28.72 -13.02
CA THR A 208 -4.60 -29.20 -13.51
C THR A 208 -5.53 -29.47 -12.33
N SER A 209 -4.95 -29.89 -11.21
CA SER A 209 -5.70 -30.18 -9.99
C SER A 209 -5.26 -29.18 -8.92
N PRO A 210 -6.20 -28.74 -8.06
CA PRO A 210 -5.88 -27.79 -7.00
C PRO A 210 -4.92 -28.32 -5.95
N ILE A 211 -4.17 -27.41 -5.34
CA ILE A 211 -3.23 -27.80 -4.29
C ILE A 211 -4.09 -27.84 -3.03
N VAL A 212 -4.01 -28.94 -2.29
CA VAL A 212 -4.82 -29.09 -1.10
C VAL A 212 -3.98 -29.23 0.17
N LYS A 213 -4.32 -28.43 1.17
CA LYS A 213 -3.67 -28.49 2.47
C LYS A 213 -4.80 -28.67 3.45
N SER A 214 -4.65 -29.61 4.37
CA SER A 214 -5.72 -29.88 5.30
C SER A 214 -5.22 -30.42 6.64
N PHE A 215 -6.11 -30.43 7.62
CA PHE A 215 -5.79 -30.99 8.93
C PHE A 215 -7.08 -31.47 9.56
N ASN A 216 -6.96 -32.46 10.45
CA ASN A 216 -8.10 -33.01 11.16
C ASN A 216 -7.93 -32.61 12.62
N ARG A 217 -8.98 -32.04 13.21
CA ARG A 217 -8.95 -31.60 14.60
C ARG A 217 -8.58 -32.67 15.62
N ASN A 218 -9.25 -33.82 15.55
CA ASN A 218 -8.99 -34.90 16.49
C ASN A 218 -7.60 -35.50 16.33
N GLU A 219 -6.86 -34.99 15.36
CA GLU A 219 -5.50 -35.46 15.14
C GLU A 219 -4.56 -34.47 15.80
N CYS A 220 -5.14 -33.37 16.29
CA CYS A 220 -4.38 -32.34 16.99
C CYS A 220 -4.39 -32.73 18.46
N GLN B 1 20.36 18.52 4.21
CA GLN B 1 19.35 17.93 3.26
C GLN B 1 17.98 18.56 3.41
N ILE B 2 17.18 18.38 2.37
CA ILE B 2 15.84 18.93 2.35
C ILE B 2 14.84 17.82 2.68
N GLN B 3 13.94 18.12 3.61
CA GLN B 3 12.96 17.15 4.03
C GLN B 3 11.64 17.79 4.49
N LEU B 4 10.54 17.07 4.24
CA LEU B 4 9.21 17.50 4.64
C LEU B 4 8.66 16.40 5.54
N VAL B 5 8.35 16.76 6.78
CA VAL B 5 7.84 15.80 7.76
C VAL B 5 6.38 16.09 8.09
N GLN B 6 5.51 15.14 7.76
CA GLN B 6 4.09 15.30 8.02
C GLN B 6 3.62 14.58 9.28
N SER B 7 2.57 15.12 9.90
CA SER B 7 2.02 14.55 11.12
C SER B 7 1.42 13.16 10.91
N GLY B 8 1.18 12.46 12.02
CA GLY B 8 0.66 11.11 11.98
C GLY B 8 -0.76 10.90 11.48
N PRO B 9 -1.16 9.64 11.28
CA PRO B 9 -2.51 9.30 10.80
C PRO B 9 -3.60 9.80 11.73
N GLU B 10 -4.70 10.26 11.14
CA GLU B 10 -5.83 10.81 11.89
C GLU B 10 -7.12 10.02 11.69
N LEU B 11 -7.87 9.84 12.77
CA LEU B 11 -9.15 9.16 12.72
C LEU B 11 -10.15 10.20 13.19
N LYS B 12 -11.10 10.56 12.33
CA LYS B 12 -12.11 11.55 12.70
C LYS B 12 -13.49 11.05 12.30
N LYS B 13 -14.52 11.54 13.00
CA LYS B 13 -15.89 11.17 12.70
C LYS B 13 -16.43 12.19 11.71
N PRO B 14 -17.43 11.79 10.91
CA PRO B 14 -18.00 12.72 9.93
C PRO B 14 -18.49 13.98 10.63
N GLY B 15 -18.31 15.13 9.97
CA GLY B 15 -18.76 16.38 10.55
C GLY B 15 -17.72 17.06 11.41
N GLU B 16 -16.67 16.32 11.78
CA GLU B 16 -15.61 16.89 12.60
C GLU B 16 -14.58 17.63 11.74
N THR B 17 -13.60 18.23 12.40
CA THR B 17 -12.55 18.98 11.73
C THR B 17 -11.21 18.30 12.00
N VAL B 18 -10.27 18.44 11.07
CA VAL B 18 -8.94 17.88 11.24
C VAL B 18 -7.93 18.88 10.71
N LYS B 19 -6.78 18.95 11.37
CA LYS B 19 -5.71 19.85 10.97
C LYS B 19 -4.41 19.07 11.00
N ILE B 20 -3.76 18.98 9.84
CA ILE B 20 -2.52 18.23 9.73
C ILE B 20 -1.37 19.18 9.41
N SER B 21 -0.15 18.78 9.77
CA SER B 21 1.00 19.63 9.55
C SER B 21 2.09 19.02 8.66
N CYS B 22 2.92 19.92 8.14
CA CYS B 22 4.02 19.55 7.25
C CYS B 22 5.19 20.45 7.59
N LYS B 23 6.17 19.89 8.30
CA LYS B 23 7.36 20.64 8.71
C LYS B 23 8.48 20.52 7.70
N ALA B 24 8.98 21.68 7.27
CA ALA B 24 10.05 21.74 6.29
C ALA B 24 11.38 22.09 6.94
N SER B 25 12.46 21.53 6.40
CA SER B 25 13.80 21.81 6.90
C SER B 25 14.81 21.61 5.77
N GLY B 26 15.97 22.23 5.90
CA GLY B 26 17.00 22.08 4.89
C GLY B 26 17.00 23.18 3.84
N TYR B 27 16.03 24.08 3.90
CA TYR B 27 15.97 25.17 2.94
C TYR B 27 15.19 26.34 3.50
N THR B 28 15.22 27.47 2.80
CA THR B 28 14.49 28.65 3.24
C THR B 28 13.03 28.46 2.91
N PHE B 29 12.26 28.12 3.95
CA PHE B 29 10.82 27.88 3.84
C PHE B 29 10.03 28.90 3.01
N THR B 30 10.34 30.18 3.19
CA THR B 30 9.65 31.24 2.48
C THR B 30 10.06 31.48 1.03
N ASP B 31 11.04 30.73 0.54
CA ASP B 31 11.49 30.90 -0.84
C ASP B 31 10.82 29.98 -1.85
N PHE B 32 9.96 29.09 -1.37
CA PHE B 32 9.30 28.13 -2.25
C PHE B 32 7.85 27.90 -1.84
N SER B 33 6.96 27.82 -2.82
CA SER B 33 5.55 27.59 -2.51
C SER B 33 5.38 26.15 -2.01
N MET B 34 4.34 25.94 -1.20
CA MET B 34 4.07 24.60 -0.69
C MET B 34 2.74 24.18 -1.27
N HIS B 35 2.71 23.00 -1.88
CA HIS B 35 1.49 22.51 -2.48
C HIS B 35 0.97 21.30 -1.73
N TRP B 36 -0.33 21.04 -1.91
CA TRP B 36 -0.98 19.91 -1.28
C TRP B 36 -1.62 19.05 -2.36
N VAL B 37 -1.40 17.74 -2.25
CA VAL B 37 -1.91 16.77 -3.20
C VAL B 37 -2.50 15.62 -2.39
N ASN B 38 -3.72 15.20 -2.73
CA ASN B 38 -4.30 14.11 -1.96
C ASN B 38 -4.54 12.91 -2.86
N GLN B 39 -4.81 11.77 -2.23
CA GLN B 39 -4.99 10.52 -2.96
C GLN B 39 -5.91 9.59 -2.21
N ALA B 40 -7.07 9.29 -2.80
CA ALA B 40 -8.03 8.39 -2.18
C ALA B 40 -7.45 6.98 -2.30
N PRO B 41 -7.81 6.07 -1.37
CA PRO B 41 -7.33 4.70 -1.37
C PRO B 41 -7.37 4.02 -2.74
N GLY B 42 -6.21 3.57 -3.21
CA GLY B 42 -6.12 2.89 -4.49
C GLY B 42 -6.40 3.73 -5.73
N LYS B 43 -6.55 5.04 -5.58
CA LYS B 43 -6.81 5.87 -6.75
C LYS B 43 -5.71 6.87 -7.11
N GLY B 44 -6.00 7.78 -8.03
CA GLY B 44 -5.01 8.75 -8.48
C GLY B 44 -4.68 9.95 -7.61
N LEU B 45 -3.74 10.75 -8.10
CA LEU B 45 -3.29 11.96 -7.43
C LEU B 45 -4.13 13.16 -7.83
N ASN B 46 -4.51 13.97 -6.84
CA ASN B 46 -5.32 15.15 -7.07
C ASN B 46 -4.66 16.38 -6.48
N TRP B 47 -4.44 17.41 -7.31
CA TRP B 47 -3.81 18.64 -6.83
C TRP B 47 -4.89 19.47 -6.11
N MET B 48 -4.63 19.80 -4.85
CA MET B 48 -5.57 20.57 -4.05
C MET B 48 -5.36 22.08 -4.15
N GLY B 49 -4.12 22.48 -4.36
CA GLY B 49 -3.80 23.90 -4.46
C GLY B 49 -2.45 24.15 -3.83
N TRP B 50 -2.17 25.41 -3.52
CA TRP B 50 -0.90 25.79 -2.93
C TRP B 50 -1.00 26.99 -2.01
N VAL B 51 0.04 27.21 -1.22
CA VAL B 51 0.08 28.36 -0.30
C VAL B 51 1.34 29.14 -0.62
N ASN B 52 1.22 30.46 -0.66
CA ASN B 52 2.36 31.34 -0.88
C ASN B 52 3.03 31.43 0.50
N THR B 53 4.23 30.89 0.62
CA THR B 53 4.93 30.88 1.89
C THR B 53 5.49 32.25 2.30
N GLU B 54 5.51 33.18 1.36
CA GLU B 54 6.00 34.53 1.64
C GLU B 54 4.83 35.41 2.08
N THR B 55 3.74 35.28 1.36
CA THR B 55 2.54 36.07 1.59
C THR B 55 1.50 35.40 2.49
N GLY B 56 1.46 34.07 2.44
CA GLY B 56 0.50 33.33 3.23
C GLY B 56 -0.81 33.09 2.50
N GLU B 57 -0.98 33.73 1.35
CA GLU B 57 -2.23 33.57 0.62
C GLU B 57 -2.38 32.20 -0.04
N PRO B 58 -3.54 31.56 0.16
CA PRO B 58 -3.79 30.24 -0.41
C PRO B 58 -4.68 30.31 -1.66
N THR B 59 -4.51 29.35 -2.56
CA THR B 59 -5.36 29.26 -3.74
C THR B 59 -5.73 27.79 -3.84
N TYR B 60 -7.01 27.53 -3.99
CA TYR B 60 -7.54 26.19 -4.05
C TYR B 60 -8.06 25.80 -5.41
N ALA B 61 -7.87 24.53 -5.77
CA ALA B 61 -8.39 24.03 -7.03
C ALA B 61 -9.89 23.96 -6.81
N ASP B 62 -10.68 24.11 -7.87
CA ASP B 62 -12.13 24.07 -7.75
C ASP B 62 -12.67 22.97 -6.83
N ASP B 63 -12.19 21.74 -7.02
CA ASP B 63 -12.65 20.63 -6.20
C ASP B 63 -12.39 20.79 -4.71
N PHE B 64 -11.51 21.71 -4.34
CA PHE B 64 -11.19 21.89 -2.93
C PHE B 64 -11.48 23.29 -2.40
N LYS B 65 -12.48 23.95 -2.97
CA LYS B 65 -12.86 25.28 -2.52
C LYS B 65 -13.93 25.12 -1.45
N GLY B 66 -13.86 25.95 -0.41
CA GLY B 66 -14.86 25.88 0.64
C GLY B 66 -14.39 25.31 1.97
N ARG B 67 -14.36 23.98 2.08
CA ARG B 67 -14.00 23.30 3.33
C ARG B 67 -12.52 23.14 3.66
N PHE B 68 -11.64 23.51 2.73
CA PHE B 68 -10.21 23.34 2.95
C PHE B 68 -9.47 24.65 3.21
N ALA B 69 -8.50 24.60 4.12
CA ALA B 69 -7.73 25.80 4.46
C ALA B 69 -6.24 25.54 4.63
N PHE B 70 -5.43 26.25 3.87
CA PHE B 70 -3.98 26.14 3.96
C PHE B 70 -3.53 27.32 4.82
N SER B 71 -2.68 27.05 5.80
CA SER B 71 -2.17 28.11 6.67
C SER B 71 -0.69 27.86 6.94
N LEU B 72 -0.05 28.81 7.60
CA LEU B 72 1.37 28.70 7.89
C LEU B 72 1.75 29.14 9.32
N GLU B 73 2.91 28.67 9.74
CA GLU B 73 3.54 28.99 11.02
C GLU B 73 4.98 29.18 10.52
N THR B 74 5.21 30.30 9.85
CA THR B 74 6.51 30.62 9.26
C THR B 74 7.70 30.43 10.18
N SER B 75 7.59 30.92 11.41
CA SER B 75 8.67 30.81 12.38
C SER B 75 9.10 29.37 12.61
N ALA B 76 8.17 28.43 12.41
CA ALA B 76 8.48 27.02 12.61
C ALA B 76 8.60 26.28 11.27
N SER B 77 8.66 27.06 10.19
CA SER B 77 8.77 26.50 8.83
C SER B 77 7.78 25.36 8.65
N THR B 78 6.55 25.58 9.07
CA THR B 78 5.53 24.56 8.96
C THR B 78 4.28 25.03 8.22
N ALA B 79 3.76 24.14 7.37
CA ALA B 79 2.54 24.42 6.61
C ALA B 79 1.44 23.53 7.19
N TYR B 80 0.22 24.04 7.20
CA TYR B 80 -0.92 23.30 7.74
C TYR B 80 -2.07 23.19 6.75
N LEU B 81 -2.84 22.12 6.89
CA LEU B 81 -4.02 21.89 6.06
C LEU B 81 -5.14 21.53 7.03
N GLN B 82 -6.21 22.33 7.02
CA GLN B 82 -7.34 22.04 7.87
C GLN B 82 -8.53 21.72 6.98
N ILE B 83 -9.27 20.67 7.35
CA ILE B 83 -10.44 20.27 6.59
C ILE B 83 -11.65 20.37 7.52
N ASN B 84 -12.64 21.14 7.10
CA ASN B 84 -13.85 21.32 7.89
C ASN B 84 -14.98 20.40 7.45
N SER B 85 -15.88 20.12 8.36
CA SER B 85 -17.05 19.27 8.09
C SER B 85 -16.68 18.04 7.28
N LEU B 86 -15.79 17.22 7.84
CA LEU B 86 -15.32 16.00 7.16
C LEU B 86 -16.45 15.08 6.68
N LYS B 87 -16.23 14.47 5.52
CA LYS B 87 -17.17 13.52 4.91
C LYS B 87 -16.43 12.20 4.78
N ASN B 88 -17.15 11.08 4.71
CA ASN B 88 -16.48 9.79 4.54
C ASN B 88 -15.56 9.84 3.32
N GLU B 89 -15.98 10.59 2.30
CA GLU B 89 -15.21 10.75 1.06
C GLU B 89 -13.87 11.48 1.21
N ASP B 90 -13.64 12.11 2.37
CA ASP B 90 -12.38 12.82 2.62
C ASP B 90 -11.30 11.82 3.04
N THR B 91 -11.72 10.57 3.22
CA THR B 91 -10.78 9.51 3.60
C THR B 91 -9.74 9.38 2.50
N ALA B 92 -8.51 9.72 2.82
CA ALA B 92 -7.44 9.64 1.84
C ALA B 92 -6.12 10.02 2.47
N THR B 93 -5.06 9.99 1.67
CA THR B 93 -3.74 10.37 2.13
C THR B 93 -3.47 11.75 1.55
N TYR B 94 -3.00 12.66 2.39
CA TYR B 94 -2.71 14.03 2.01
C TYR B 94 -1.21 14.31 2.06
N PHE B 95 -0.66 14.69 0.92
CA PHE B 95 0.78 14.99 0.81
C PHE B 95 1.04 16.47 0.65
N CYS B 96 2.17 16.93 1.19
CA CYS B 96 2.58 18.30 1.00
C CYS B 96 3.82 18.13 0.12
N ALA B 97 4.11 19.11 -0.72
CA ALA B 97 5.26 19.02 -1.60
C ALA B 97 5.79 20.40 -1.95
N ARG B 98 7.12 20.48 -2.10
CA ARG B 98 7.75 21.75 -2.45
C ARG B 98 7.78 21.87 -3.97
N PHE B 99 7.37 23.04 -4.45
CA PHE B 99 7.32 23.32 -5.89
C PHE B 99 8.50 24.17 -6.33
N LEU B 100 9.12 23.79 -7.44
CA LEU B 100 10.26 24.52 -7.98
C LEU B 100 9.88 25.36 -9.19
N LEU B 101 10.71 26.33 -9.50
CA LEU B 101 10.50 27.21 -10.65
C LEU B 101 10.44 26.41 -11.94
N ARG B 102 11.12 25.26 -11.96
CA ARG B 102 11.12 24.40 -13.14
C ARG B 102 9.80 23.64 -13.27
N GLN B 103 8.82 24.07 -12.48
CA GLN B 103 7.47 23.52 -12.47
C GLN B 103 7.25 22.06 -12.05
N TYR B 104 7.98 21.60 -11.04
CA TYR B 104 7.78 20.24 -10.57
C TYR B 104 8.05 20.15 -9.07
N PHE B 105 7.56 19.08 -8.46
CA PHE B 105 7.76 18.86 -7.03
C PHE B 105 9.01 18.03 -6.87
N ASP B 106 10.02 18.59 -6.21
CA ASP B 106 11.27 17.88 -6.02
C ASP B 106 11.37 17.16 -4.68
N VAL B 107 10.47 17.47 -3.76
CA VAL B 107 10.46 16.82 -2.46
C VAL B 107 9.03 16.75 -1.94
N TRP B 108 8.67 15.60 -1.36
CA TRP B 108 7.34 15.36 -0.83
C TRP B 108 7.36 14.86 0.61
N GLY B 109 6.28 15.13 1.33
CA GLY B 109 6.16 14.61 2.68
C GLY B 109 5.80 13.14 2.45
N ALA B 110 5.85 12.33 3.50
CA ALA B 110 5.53 10.91 3.39
C ALA B 110 4.03 10.69 3.31
N GLY B 111 3.27 11.76 3.54
CA GLY B 111 1.81 11.68 3.49
C GLY B 111 1.16 11.45 4.83
N THR B 112 -0.04 12.01 5.00
CA THR B 112 -0.79 11.85 6.23
C THR B 112 -2.13 11.22 5.87
N THR B 113 -2.38 10.01 6.39
CA THR B 113 -3.63 9.34 6.09
C THR B 113 -4.72 9.71 7.08
N VAL B 114 -5.83 10.23 6.57
CA VAL B 114 -6.92 10.53 7.50
C VAL B 114 -8.10 9.66 7.10
N THR B 115 -8.68 8.95 8.06
CA THR B 115 -9.84 8.15 7.73
C THR B 115 -10.99 8.79 8.46
N VAL B 116 -12.10 8.94 7.74
CA VAL B 116 -13.30 9.53 8.32
C VAL B 116 -14.27 8.37 8.49
N SER B 117 -14.59 8.08 9.74
CA SER B 117 -15.48 6.95 10.05
C SER B 117 -16.14 7.09 11.41
N SER B 118 -17.31 6.48 11.53
CA SER B 118 -18.06 6.48 12.77
C SER B 118 -17.60 5.31 13.66
N ALA B 119 -16.83 4.39 13.09
CA ALA B 119 -16.35 3.23 13.83
C ALA B 119 -15.47 3.61 15.02
N LYS B 120 -15.61 2.87 16.11
CA LYS B 120 -14.85 3.14 17.31
C LYS B 120 -13.52 2.43 17.37
N THR B 121 -12.54 3.12 17.94
CA THR B 121 -11.20 2.60 18.08
C THR B 121 -11.23 1.35 18.97
N THR B 122 -10.57 0.28 18.54
CA THR B 122 -10.50 -0.93 19.34
C THR B 122 -9.18 -1.65 19.09
N PRO B 123 -8.58 -2.19 20.16
CA PRO B 123 -7.31 -2.89 20.07
C PRO B 123 -7.42 -4.24 19.37
N PRO B 124 -6.33 -4.68 18.74
CA PRO B 124 -6.36 -5.97 18.05
C PRO B 124 -6.08 -7.11 19.00
N SER B 125 -6.46 -8.31 18.56
CA SER B 125 -6.17 -9.52 19.31
C SER B 125 -5.06 -10.09 18.42
N VAL B 126 -3.98 -10.57 19.03
CA VAL B 126 -2.86 -11.11 18.25
C VAL B 126 -2.68 -12.59 18.50
N TYR B 127 -2.79 -13.38 17.44
CA TYR B 127 -2.68 -14.83 17.57
C TYR B 127 -1.52 -15.40 16.78
N PRO B 128 -0.78 -16.34 17.38
CA PRO B 128 0.35 -16.95 16.71
C PRO B 128 -0.16 -18.03 15.75
N LEU B 129 0.50 -18.18 14.62
CA LEU B 129 0.11 -19.19 13.65
C LEU B 129 1.27 -20.17 13.49
N ALA B 130 1.11 -21.36 14.05
CA ALA B 130 2.14 -22.38 13.96
C ALA B 130 1.54 -23.60 13.26
N PRO B 131 2.39 -24.38 12.57
CA PRO B 131 1.89 -25.56 11.87
C PRO B 131 1.17 -26.51 12.84
N GLY B 132 0.19 -27.24 12.32
CA GLY B 132 -0.55 -28.18 13.14
C GLY B 132 0.42 -29.21 13.69
N SER B 133 0.11 -29.74 14.87
CA SER B 133 0.96 -30.73 15.51
C SER B 133 1.07 -32.05 14.75
N ALA B 134 0.26 -32.23 13.72
CA ALA B 134 0.31 -33.47 12.94
C ALA B 134 0.55 -33.25 11.46
N ALA B 135 1.11 -32.10 11.11
CA ALA B 135 1.40 -31.79 9.71
C ALA B 135 2.83 -32.17 9.33
N GLN B 136 3.01 -32.53 8.07
CA GLN B 136 4.31 -32.92 7.55
C GLN B 136 5.28 -31.74 7.56
N THR B 137 6.53 -32.00 7.92
CA THR B 137 7.56 -30.98 7.98
C THR B 137 8.47 -31.04 6.75
N ASN B 138 8.84 -29.86 6.23
CA ASN B 138 9.71 -29.78 5.06
C ASN B 138 11.07 -29.18 5.39
N SER B 139 11.80 -28.74 4.35
CA SER B 139 13.11 -28.13 4.51
C SER B 139 12.94 -26.73 5.11
N MET B 140 11.87 -26.07 4.67
CA MET B 140 11.55 -24.74 5.15
C MET B 140 10.27 -24.85 5.97
N VAL B 141 10.02 -23.88 6.84
CA VAL B 141 8.81 -23.88 7.63
C VAL B 141 8.24 -22.46 7.60
N THR B 142 6.94 -22.34 7.44
CA THR B 142 6.30 -21.04 7.41
C THR B 142 5.48 -20.83 8.66
N LEU B 143 5.68 -19.68 9.30
CA LEU B 143 4.98 -19.33 10.52
C LEU B 143 4.14 -18.08 10.24
N GLY B 144 3.20 -17.79 11.14
CA GLY B 144 2.36 -16.64 10.93
C GLY B 144 1.93 -15.91 12.19
N CYS B 145 1.27 -14.78 11.97
CA CYS B 145 0.80 -13.91 13.02
C CYS B 145 -0.54 -13.37 12.50
N LEU B 146 -1.62 -13.59 13.25
CA LEU B 146 -2.94 -13.08 12.85
C LEU B 146 -3.29 -11.91 13.77
N VAL B 147 -3.55 -10.75 13.18
CA VAL B 147 -3.85 -9.53 13.93
C VAL B 147 -5.30 -9.20 13.59
N LYS B 148 -6.20 -9.58 14.50
CA LYS B 148 -7.62 -9.46 14.25
C LYS B 148 -8.46 -8.51 15.10
N GLY B 149 -9.48 -7.95 14.46
CA GLY B 149 -10.44 -7.07 15.12
C GLY B 149 -10.00 -5.74 15.67
N TYR B 150 -9.24 -4.98 14.89
CA TYR B 150 -8.79 -3.67 15.37
C TYR B 150 -9.31 -2.54 14.50
N PHE B 151 -9.21 -1.33 15.03
CA PHE B 151 -9.61 -0.13 14.30
C PHE B 151 -9.04 1.07 15.04
N PRO B 152 -8.51 2.06 14.30
CA PRO B 152 -8.39 2.11 12.84
C PRO B 152 -6.98 1.66 12.45
N GLU B 153 -6.63 1.87 11.20
CA GLU B 153 -5.30 1.56 10.73
C GLU B 153 -4.44 2.68 11.30
N PRO B 154 -3.12 2.46 11.41
CA PRO B 154 -2.40 1.25 11.04
C PRO B 154 -1.95 0.41 12.22
N VAL B 155 -1.28 -0.68 11.87
CA VAL B 155 -0.67 -1.59 12.83
C VAL B 155 0.68 -1.88 12.17
N THR B 156 1.70 -2.15 12.97
CA THR B 156 2.99 -2.49 12.42
C THR B 156 3.23 -3.92 12.85
N VAL B 157 3.86 -4.71 11.98
CA VAL B 157 4.19 -6.09 12.27
C VAL B 157 5.61 -6.37 11.78
N THR B 158 6.47 -6.82 12.68
CA THR B 158 7.84 -7.18 12.30
C THR B 158 8.13 -8.51 12.96
N TRP B 159 9.25 -9.12 12.62
CA TRP B 159 9.63 -10.41 13.17
C TRP B 159 11.00 -10.30 13.85
N ASN B 160 11.09 -10.81 15.09
CA ASN B 160 12.31 -10.74 15.88
C ASN B 160 12.85 -9.32 15.90
N SER B 161 11.95 -8.40 16.22
CA SER B 161 12.28 -6.98 16.31
C SER B 161 12.93 -6.43 15.04
N GLY B 162 12.65 -7.07 13.91
CA GLY B 162 13.22 -6.61 12.65
C GLY B 162 14.42 -7.38 12.13
N SER B 163 15.01 -8.21 13.00
CA SER B 163 16.18 -8.99 12.61
C SER B 163 15.83 -10.01 11.52
N LEU B 164 14.57 -10.44 11.51
CA LEU B 164 14.08 -11.37 10.48
C LEU B 164 13.32 -10.51 9.49
N SER B 165 13.94 -10.22 8.36
CA SER B 165 13.32 -9.38 7.34
C SER B 165 13.07 -10.09 6.03
N SER B 166 13.93 -11.04 5.69
CA SER B 166 13.77 -11.78 4.43
C SER B 166 12.80 -12.93 4.66
N GLY B 167 12.04 -13.28 3.63
CA GLY B 167 11.09 -14.36 3.76
C GLY B 167 9.83 -13.91 4.48
N VAL B 168 9.62 -12.61 4.58
CA VAL B 168 8.45 -12.05 5.25
C VAL B 168 7.42 -11.45 4.27
N HIS B 169 6.15 -11.71 4.55
CA HIS B 169 5.04 -11.16 3.76
C HIS B 169 4.00 -10.65 4.75
N THR B 170 3.63 -9.37 4.66
CA THR B 170 2.58 -8.85 5.53
C THR B 170 1.44 -8.49 4.59
N PHE B 171 0.28 -9.11 4.79
CA PHE B 171 -0.85 -8.88 3.92
C PHE B 171 -1.67 -7.65 4.30
N PRO B 172 -2.07 -6.86 3.29
CA PRO B 172 -2.86 -5.66 3.53
C PRO B 172 -4.08 -5.96 4.38
N ALA B 173 -4.34 -5.10 5.35
CA ALA B 173 -5.49 -5.29 6.22
C ALA B 173 -6.76 -5.15 5.39
N VAL B 174 -7.80 -5.88 5.81
CA VAL B 174 -9.09 -5.84 5.15
C VAL B 174 -10.13 -5.44 6.19
N LEU B 175 -11.03 -4.54 5.80
CA LEU B 175 -12.08 -4.07 6.69
C LEU B 175 -13.36 -4.89 6.58
N GLN B 176 -13.90 -5.28 7.72
CA GLN B 176 -15.14 -6.05 7.77
C GLN B 176 -15.92 -5.66 9.02
N SER B 177 -17.13 -5.16 8.82
CA SER B 177 -17.99 -4.76 9.93
C SER B 177 -17.29 -3.87 10.96
N ASP B 178 -16.73 -2.77 10.49
CA ASP B 178 -16.04 -1.81 11.35
C ASP B 178 -14.73 -2.29 11.96
N LEU B 179 -14.25 -3.47 11.57
CA LEU B 179 -13.00 -3.99 12.11
C LEU B 179 -12.04 -4.52 11.05
N TYR B 180 -10.75 -4.26 11.26
CA TYR B 180 -9.71 -4.70 10.34
C TYR B 180 -9.10 -6.01 10.80
N THR B 181 -8.63 -6.80 9.84
CA THR B 181 -7.92 -8.03 10.13
C THR B 181 -6.75 -8.04 9.17
N LEU B 182 -5.58 -8.39 9.70
CA LEU B 182 -4.35 -8.44 8.93
C LEU B 182 -3.57 -9.67 9.37
N SER B 183 -2.70 -10.17 8.50
CA SER B 183 -1.89 -11.32 8.84
C SER B 183 -0.50 -11.12 8.25
N SER B 184 0.47 -11.85 8.78
CA SER B 184 1.85 -11.75 8.29
C SER B 184 2.49 -13.12 8.36
N SER B 185 3.29 -13.47 7.36
CA SER B 185 3.94 -14.77 7.39
C SER B 185 5.45 -14.63 7.27
N VAL B 186 6.15 -15.61 7.81
CA VAL B 186 7.62 -15.67 7.77
C VAL B 186 8.02 -17.10 7.46
N THR B 187 8.98 -17.25 6.57
CA THR B 187 9.46 -18.57 6.20
C THR B 187 10.93 -18.64 6.59
N VAL B 188 11.29 -19.66 7.38
CA VAL B 188 12.67 -19.84 7.81
C VAL B 188 13.05 -21.31 7.66
N PRO B 189 14.35 -21.61 7.65
CA PRO B 189 14.76 -23.01 7.51
C PRO B 189 14.22 -23.82 8.69
N SER B 190 13.85 -25.08 8.44
CA SER B 190 13.33 -25.93 9.51
C SER B 190 14.38 -26.14 10.60
N SER B 191 15.64 -25.85 10.26
CA SER B 191 16.74 -26.01 11.21
C SER B 191 16.90 -24.78 12.11
N THR B 192 16.08 -23.76 11.89
CA THR B 192 16.16 -22.55 12.70
C THR B 192 15.01 -22.46 13.69
N TRP B 193 13.86 -23.02 13.33
CA TRP B 193 12.69 -23.00 14.21
C TRP B 193 12.25 -24.45 14.38
N PRO B 194 11.83 -24.84 15.59
CA PRO B 194 11.71 -24.09 16.84
C PRO B 194 12.95 -23.94 17.72
N SER B 195 14.11 -24.41 17.26
CA SER B 195 15.33 -24.30 18.07
C SER B 195 15.69 -22.85 18.36
N GLU B 196 15.36 -21.96 17.42
CA GLU B 196 15.62 -20.53 17.60
C GLU B 196 14.26 -19.88 17.70
N THR B 197 14.11 -18.91 18.59
CA THR B 197 12.80 -18.29 18.73
C THR B 197 12.48 -17.32 17.60
N VAL B 198 11.22 -17.31 17.24
CA VAL B 198 10.70 -16.45 16.20
C VAL B 198 9.47 -15.83 16.83
N THR B 199 9.40 -14.50 16.86
CA THR B 199 8.26 -13.83 17.45
C THR B 199 7.83 -12.65 16.61
N CYS B 200 6.51 -12.44 16.52
CA CYS B 200 6.04 -11.30 15.75
C CYS B 200 5.75 -10.18 16.72
N ASN B 201 6.24 -9.01 16.36
CA ASN B 201 6.07 -7.83 17.16
C ASN B 201 4.99 -7.01 16.50
N VAL B 202 3.87 -6.82 17.19
CA VAL B 202 2.84 -6.01 16.58
C VAL B 202 2.48 -4.84 17.48
N ALA B 203 2.21 -3.71 16.85
CA ALA B 203 1.83 -2.51 17.59
C ALA B 203 0.66 -1.85 16.91
N HIS B 204 -0.26 -1.33 17.71
CA HIS B 204 -1.42 -0.62 17.22
C HIS B 204 -1.37 0.70 17.99
N PRO B 205 -0.70 1.71 17.42
CA PRO B 205 -0.56 3.02 18.04
C PRO B 205 -1.83 3.63 18.65
N ALA B 206 -2.94 3.52 17.94
CA ALA B 206 -4.19 4.10 18.41
C ALA B 206 -4.64 3.62 19.79
N SER B 207 -4.35 2.36 20.10
CA SER B 207 -4.74 1.79 21.39
C SER B 207 -3.51 1.54 22.25
N SER B 208 -2.36 2.02 21.79
CA SER B 208 -1.10 1.84 22.49
C SER B 208 -0.82 0.36 22.75
N THR B 209 -1.31 -0.49 21.86
CA THR B 209 -1.10 -1.92 21.98
C THR B 209 0.28 -2.29 21.47
N LYS B 210 0.97 -3.14 22.23
CA LYS B 210 2.28 -3.64 21.86
C LYS B 210 2.37 -5.06 22.38
N VAL B 211 2.47 -6.02 21.48
CA VAL B 211 2.58 -7.39 21.93
C VAL B 211 3.66 -8.09 21.12
N ASP B 212 4.51 -8.85 21.80
CA ASP B 212 5.58 -9.59 21.15
C ASP B 212 5.20 -11.05 21.35
N LYS B 213 4.55 -11.61 20.34
CA LYS B 213 4.07 -12.98 20.38
C LYS B 213 5.07 -14.00 19.85
N LYS B 214 5.60 -14.82 20.74
CA LYS B 214 6.57 -15.84 20.36
C LYS B 214 5.79 -17.01 19.74
N ILE B 215 6.26 -17.49 18.60
CA ILE B 215 5.59 -18.60 17.94
C ILE B 215 6.18 -19.89 18.53
N VAL B 216 5.33 -20.69 19.17
CA VAL B 216 5.76 -21.93 19.80
C VAL B 216 5.05 -23.14 19.23
N PRO B 217 5.76 -24.27 19.12
CA PRO B 217 5.14 -25.49 18.57
C PRO B 217 3.87 -25.84 19.35
N ARG B 218 2.87 -26.35 18.66
CA ARG B 218 1.62 -26.73 19.31
C ARG B 218 1.87 -28.03 20.08
#